data_8IS6
#
_entry.id   8IS6
#
_cell.length_a   50.610
_cell.length_b   64.897
_cell.length_c   170.277
_cell.angle_alpha   90.00
_cell.angle_beta   90.00
_cell.angle_gamma   90.00
#
_symmetry.space_group_name_H-M   'C 2 2 21'
#
loop_
_entity.id
_entity.type
_entity.pdbx_description
1 polymer CrtM
2 water water
#
_entity_poly.entity_id   1
_entity_poly.type   'polypeptide(L)'
_entity_poly.pdbx_seq_one_letter_code
;MMDLNNAYDHCKNIIEKHSKTFSKAFAMLPKHQKRAVWAIYAFCRRADDIVDEGENPKEELEAFAVEFDLFMEGRLETED
PCWIALQDAFERFPLDPAPFYEMIVGQRMDLYPKTIDTKDDLLHYCYHVASTVGLMLLPVLAPGKVSRVKTGAIELGYAM
QITNILRDIGEDLDNHRIYIPKQMMIEYGYTRTDLHNKKVNEAFIQLWEDLAQDAEHYYRNALATLPEYPVYSRTPVGGA
AKMYRAIIQTVRNNDYQVFGKRNYVSDQMKKQIIAEMQ
;
_entity_poly.pdbx_strand_id   A
#
# COMPACT_ATOMS: atom_id res chain seq x y z
N MET A 2 -28.65 4.28 0.94
CA MET A 2 -28.24 4.39 2.34
C MET A 2 -27.54 5.72 2.63
N ASP A 3 -27.55 6.12 3.89
CA ASP A 3 -27.09 7.46 4.26
C ASP A 3 -25.58 7.46 4.50
N LEU A 4 -25.05 8.64 4.83
CA LEU A 4 -23.61 8.81 4.88
C LEU A 4 -22.98 7.90 5.93
N ASN A 5 -23.58 7.83 7.13
CA ASN A 5 -23.04 6.99 8.18
C ASN A 5 -22.88 5.54 7.73
N ASN A 6 -23.89 5.02 7.03
CA ASN A 6 -23.86 3.63 6.62
C ASN A 6 -22.97 3.40 5.41
N ALA A 7 -22.83 4.42 4.56
CA ALA A 7 -21.84 4.38 3.49
C ALA A 7 -20.43 4.25 4.07
N TYR A 8 -20.12 5.07 5.07
CA TYR A 8 -18.79 4.97 5.69
C TYR A 8 -18.63 3.62 6.40
N ASP A 9 -19.67 3.15 7.09
CA ASP A 9 -19.55 1.86 7.77
C ASP A 9 -19.22 0.74 6.79
N HIS A 10 -19.84 0.77 5.61
CA HIS A 10 -19.47 -0.16 4.55
C HIS A 10 -17.97 -0.12 4.28
N CYS A 11 -17.39 1.07 4.21
CA CYS A 11 -15.96 1.15 3.93
C CYS A 11 -15.13 0.65 5.11
N LYS A 12 -15.61 0.91 6.32
CA LYS A 12 -14.97 0.38 7.52
C LYS A 12 -14.91 -1.15 7.49
N ASN A 13 -15.95 -1.79 6.95
CA ASN A 13 -15.96 -3.25 6.87
C ASN A 13 -14.98 -3.75 5.83
N ILE A 14 -14.76 -2.98 4.78
CA ILE A 14 -13.74 -3.36 3.80
C ILE A 14 -12.35 -3.31 4.42
N ILE A 15 -12.01 -2.22 5.10
CA ILE A 15 -10.65 -2.08 5.62
C ILE A 15 -10.39 -3.10 6.73
N GLU A 16 -11.37 -3.29 7.62
CA GLU A 16 -11.20 -4.29 8.68
C GLU A 16 -11.05 -5.71 8.14
N LYS A 17 -11.68 -6.01 7.01
CA LYS A 17 -11.61 -7.36 6.46
C LYS A 17 -10.27 -7.65 5.82
N HIS A 18 -9.66 -6.65 5.18
CA HIS A 18 -8.50 -6.89 4.33
C HIS A 18 -7.18 -6.48 4.95
N SER A 19 -7.17 -5.67 6.01
CA SER A 19 -5.90 -5.23 6.60
C SER A 19 -6.11 -4.91 8.08
N LYS A 20 -5.65 -5.82 8.94
CA LYS A 20 -5.67 -5.53 10.37
C LYS A 20 -4.71 -4.38 10.72
N THR A 21 -3.58 -4.28 10.02
CA THR A 21 -2.64 -3.21 10.33
C THR A 21 -3.24 -1.83 10.05
N PHE A 22 -3.75 -1.61 8.83
CA PHE A 22 -4.21 -0.27 8.50
C PHE A 22 -5.46 0.11 9.30
N SER A 23 -6.36 -0.84 9.54
CA SER A 23 -7.58 -0.51 10.28
C SER A 23 -7.28 -0.19 11.74
N LYS A 24 -6.39 -0.94 12.37
CA LYS A 24 -5.96 -0.61 13.73
C LYS A 24 -5.32 0.77 13.78
N ALA A 25 -4.43 1.05 12.83
CA ALA A 25 -3.72 2.33 12.81
C ALA A 25 -4.69 3.49 12.63
N PHE A 26 -5.48 3.48 11.56
CA PHE A 26 -6.33 4.63 11.29
C PHE A 26 -7.57 4.69 12.17
N ALA A 27 -7.91 3.61 12.88
CA ALA A 27 -8.97 3.73 13.89
C ALA A 27 -8.60 4.73 14.98
N MET A 28 -7.33 5.09 15.14
CA MET A 28 -7.02 6.06 16.19
C MET A 28 -7.04 7.49 15.69
N LEU A 29 -7.44 7.74 14.44
CA LEU A 29 -7.60 9.10 13.98
C LEU A 29 -8.88 9.71 14.56
N PRO A 30 -9.02 11.04 14.56
CA PRO A 30 -10.31 11.65 14.88
C PRO A 30 -11.36 11.31 13.83
N LYS A 31 -12.63 11.52 14.19
CA LYS A 31 -13.77 10.94 13.47
C LYS A 31 -13.71 11.15 11.96
N HIS A 32 -13.72 12.41 11.52
CA HIS A 32 -13.94 12.66 10.10
C HIS A 32 -12.72 12.29 9.26
N GLN A 33 -11.52 12.47 9.81
CA GLN A 33 -10.32 12.02 9.10
C GLN A 33 -10.33 10.51 8.96
N LYS A 34 -10.69 9.80 10.02
CA LYS A 34 -10.80 8.35 9.97
C LYS A 34 -11.78 7.91 8.90
N ARG A 35 -12.98 8.52 8.86
CA ARG A 35 -13.96 8.14 7.85
C ARG A 35 -13.43 8.40 6.45
N ALA A 36 -12.77 9.54 6.24
CA ALA A 36 -12.20 9.82 4.93
C ALA A 36 -11.16 8.77 4.54
N VAL A 37 -10.34 8.33 5.51
CA VAL A 37 -9.33 7.32 5.20
C VAL A 37 -9.98 6.00 4.80
N TRP A 38 -11.08 5.63 5.46
CA TRP A 38 -11.83 4.45 5.05
C TRP A 38 -12.28 4.56 3.60
N ALA A 39 -12.84 5.72 3.24
CA ALA A 39 -13.35 5.89 1.88
C ALA A 39 -12.22 5.81 0.86
N ILE A 40 -11.09 6.44 1.16
CA ILE A 40 -9.96 6.40 0.23
C ILE A 40 -9.40 4.99 0.13
N TYR A 41 -9.31 4.28 1.25
CA TYR A 41 -8.88 2.89 1.20
C TYR A 41 -9.82 2.05 0.33
N ALA A 42 -11.14 2.26 0.45
CA ALA A 42 -12.05 1.46 -0.37
C ALA A 42 -11.76 1.66 -1.85
N PHE A 43 -11.40 2.88 -2.24
CA PHE A 43 -11.05 3.16 -3.64
C PHE A 43 -9.85 2.33 -4.07
N CYS A 44 -8.79 2.32 -3.26
CA CYS A 44 -7.59 1.56 -3.61
C CYS A 44 -7.87 0.07 -3.61
N ARG A 45 -8.75 -0.37 -2.71
CA ARG A 45 -9.00 -1.78 -2.53
C ARG A 45 -9.76 -2.32 -3.74
N ARG A 46 -10.74 -1.54 -4.21
CA ARG A 46 -11.53 -1.90 -5.38
C ARG A 46 -10.68 -2.00 -6.63
N ALA A 47 -9.83 -1.00 -6.88
CA ALA A 47 -9.02 -1.02 -8.09
C ALA A 47 -8.04 -2.18 -8.08
N ASP A 48 -7.40 -2.43 -6.94
CA ASP A 48 -6.46 -3.53 -6.84
C ASP A 48 -7.16 -4.87 -6.98
N ASP A 49 -8.36 -5.01 -6.42
CA ASP A 49 -9.11 -6.25 -6.52
C ASP A 49 -9.56 -6.53 -7.95
N ILE A 50 -9.94 -5.47 -8.69
CA ILE A 50 -10.27 -5.62 -10.11
C ILE A 50 -9.10 -6.24 -10.86
N VAL A 51 -7.89 -5.76 -10.58
CA VAL A 51 -6.75 -6.24 -11.35
C VAL A 51 -6.33 -7.63 -10.87
N ASP A 52 -6.21 -7.81 -9.55
CA ASP A 52 -5.68 -9.06 -9.01
C ASP A 52 -6.70 -10.19 -8.95
N GLU A 53 -8.00 -9.88 -8.90
CA GLU A 53 -9.06 -10.88 -9.04
C GLU A 53 -9.99 -10.39 -10.15
N GLY A 54 -11.03 -11.16 -10.45
CA GLY A 54 -11.96 -10.66 -11.46
C GLY A 54 -11.72 -11.15 -12.87
N GLU A 55 -12.80 -11.32 -13.65
CA GLU A 55 -12.78 -12.14 -14.85
C GLU A 55 -12.13 -11.45 -16.05
N ASN A 56 -12.54 -10.21 -16.35
CA ASN A 56 -12.00 -9.46 -17.49
C ASN A 56 -11.33 -8.21 -16.93
N PRO A 57 -10.10 -8.34 -16.45
CA PRO A 57 -9.50 -7.22 -15.69
C PRO A 57 -9.34 -5.96 -16.50
N LYS A 58 -9.13 -6.06 -17.82
CA LYS A 58 -8.89 -4.88 -18.61
C LYS A 58 -10.16 -4.08 -18.80
N GLU A 59 -11.27 -4.76 -19.07
CA GLU A 59 -12.53 -4.07 -19.30
C GLU A 59 -13.10 -3.54 -17.98
N GLU A 60 -12.96 -4.31 -16.91
CA GLU A 60 -13.44 -3.87 -15.60
C GLU A 60 -12.69 -2.65 -15.09
N LEU A 61 -11.39 -2.56 -15.38
CA LEU A 61 -10.59 -1.44 -14.89
C LEU A 61 -10.82 -0.17 -15.71
N GLU A 62 -11.08 -0.30 -17.02
CA GLU A 62 -11.43 0.87 -17.82
C GLU A 62 -12.79 1.43 -17.42
N ALA A 63 -13.74 0.55 -17.07
CA ALA A 63 -15.03 1.00 -16.58
C ALA A 63 -14.90 1.64 -15.19
N PHE A 64 -13.97 1.15 -14.37
CA PHE A 64 -13.69 1.80 -13.09
C PHE A 64 -13.08 3.17 -13.31
N ALA A 65 -12.17 3.30 -14.28
CA ALA A 65 -11.59 4.60 -14.61
C ALA A 65 -12.63 5.56 -15.16
N VAL A 66 -13.49 5.09 -16.07
CA VAL A 66 -14.56 5.93 -16.59
C VAL A 66 -15.45 6.41 -15.46
N GLU A 67 -15.77 5.52 -14.52
CA GLU A 67 -16.63 5.90 -13.41
C GLU A 67 -15.99 6.97 -12.54
N PHE A 68 -14.68 6.86 -12.28
CA PHE A 68 -13.99 7.91 -11.53
C PHE A 68 -13.96 9.23 -12.31
N ASP A 69 -13.77 9.17 -13.64
CA ASP A 69 -13.89 10.36 -14.46
C ASP A 69 -15.23 11.06 -14.22
N LEU A 70 -16.32 10.30 -14.26
CA LEU A 70 -17.66 10.85 -14.00
C LEU A 70 -17.79 11.36 -12.57
N PHE A 71 -17.22 10.63 -11.61
CA PHE A 71 -17.22 11.06 -10.22
C PHE A 71 -16.56 12.43 -10.09
N MET A 72 -15.40 12.61 -10.72
CA MET A 72 -14.65 13.85 -10.51
C MET A 72 -15.36 15.02 -11.18
N GLU A 73 -16.10 14.79 -12.25
CA GLU A 73 -16.92 15.84 -12.84
C GLU A 73 -18.10 16.22 -11.97
N GLY A 74 -18.34 15.49 -10.88
CA GLY A 74 -19.50 15.74 -10.05
C GLY A 74 -20.80 15.26 -10.64
N ARG A 75 -20.76 14.31 -11.57
CA ARG A 75 -21.94 13.89 -12.30
C ARG A 75 -22.20 12.40 -12.21
N LEU A 76 -21.60 11.71 -11.24
CA LEU A 76 -21.88 10.29 -11.00
C LEU A 76 -23.04 10.18 -10.03
N GLU A 77 -24.15 9.59 -10.48
CA GLU A 77 -25.30 9.33 -9.62
C GLU A 77 -25.35 7.81 -9.40
N THR A 78 -25.23 7.39 -8.14
CA THR A 78 -25.08 5.99 -7.82
C THR A 78 -25.65 5.72 -6.43
N GLU A 79 -25.96 4.46 -6.17
CA GLU A 79 -26.20 4.03 -4.80
C GLU A 79 -25.03 3.25 -4.22
N ASP A 80 -23.91 3.22 -4.90
CA ASP A 80 -22.72 2.48 -4.42
C ASP A 80 -22.19 3.13 -3.16
N PRO A 81 -22.18 2.43 -2.02
CA PRO A 81 -21.72 3.06 -0.76
C PRO A 81 -20.30 3.59 -0.81
N CYS A 82 -19.42 2.95 -1.59
CA CYS A 82 -18.03 3.41 -1.70
C CYS A 82 -17.93 4.78 -2.36
N TRP A 83 -18.75 5.02 -3.40
CA TRP A 83 -18.74 6.33 -4.03
C TRP A 83 -19.44 7.38 -3.16
N ILE A 84 -20.51 6.98 -2.48
CA ILE A 84 -21.19 7.90 -1.56
C ILE A 84 -20.23 8.37 -0.49
N ALA A 85 -19.43 7.44 0.06
CA ALA A 85 -18.44 7.78 1.07
C ALA A 85 -17.32 8.65 0.49
N LEU A 86 -16.79 8.29 -0.68
CA LEU A 86 -15.71 9.08 -1.25
C LEU A 86 -16.17 10.49 -1.61
N GLN A 87 -17.40 10.60 -2.13
CA GLN A 87 -17.97 11.91 -2.42
C GLN A 87 -17.89 12.85 -1.22
N ASP A 88 -18.26 12.35 -0.03
CA ASP A 88 -18.17 13.21 1.15
C ASP A 88 -16.72 13.53 1.50
N ALA A 89 -15.85 12.53 1.46
CA ALA A 89 -14.44 12.76 1.74
C ALA A 89 -13.88 13.87 0.86
N PHE A 90 -14.22 13.85 -0.45
CA PHE A 90 -13.69 14.85 -1.37
C PHE A 90 -14.28 16.22 -1.08
N GLU A 91 -15.55 16.25 -0.68
CA GLU A 91 -16.18 17.50 -0.33
C GLU A 91 -15.68 18.01 1.01
N ARG A 92 -15.35 17.12 1.92
CA ARG A 92 -15.00 17.52 3.27
C ARG A 92 -13.54 17.93 3.46
N PHE A 93 -12.62 17.36 2.69
CA PHE A 93 -11.18 17.61 2.74
C PHE A 93 -10.68 17.97 1.35
N PRO A 94 -9.60 18.75 1.23
CA PRO A 94 -9.06 19.11 -0.10
C PRO A 94 -8.27 17.99 -0.78
N LEU A 95 -8.93 16.87 -1.03
CA LEU A 95 -8.25 15.77 -1.69
C LEU A 95 -7.86 16.11 -3.12
N ASP A 96 -6.71 15.60 -3.56
CA ASP A 96 -6.19 15.86 -4.90
C ASP A 96 -6.48 14.68 -5.81
N PRO A 97 -7.18 14.85 -6.94
CA PRO A 97 -7.40 13.68 -7.83
C PRO A 97 -6.13 13.15 -8.48
N ALA A 98 -5.07 13.96 -8.59
CA ALA A 98 -3.90 13.54 -9.35
C ALA A 98 -3.37 12.18 -8.91
N PRO A 99 -3.05 11.92 -7.63
CA PRO A 99 -2.56 10.59 -7.25
C PRO A 99 -3.61 9.49 -7.38
N PHE A 100 -4.91 9.82 -7.34
CA PHE A 100 -5.91 8.81 -7.64
C PHE A 100 -5.76 8.30 -9.08
N TYR A 101 -5.54 9.20 -10.04
CA TYR A 101 -5.30 8.76 -11.42
C TYR A 101 -4.01 7.95 -11.52
N GLU A 102 -2.98 8.39 -10.81
CA GLU A 102 -1.71 7.66 -10.88
C GLU A 102 -1.85 6.23 -10.36
N MET A 103 -2.58 6.03 -9.27
CA MET A 103 -2.98 4.68 -8.86
C MET A 103 -3.56 3.84 -10.01
N ILE A 104 -4.48 4.40 -10.79
CA ILE A 104 -5.05 3.63 -11.90
C ILE A 104 -3.97 3.25 -12.91
N VAL A 105 -3.08 4.19 -13.23
CA VAL A 105 -1.94 3.91 -14.08
C VAL A 105 -1.10 2.76 -13.49
N GLY A 106 -0.85 2.82 -12.19
CA GLY A 106 -0.12 1.73 -11.55
C GLY A 106 -0.83 0.40 -11.67
N GLN A 107 -2.15 0.39 -11.48
CA GLN A 107 -2.91 -0.85 -11.66
C GLN A 107 -2.86 -1.33 -13.11
N ARG A 108 -2.80 -0.41 -14.07
CA ARG A 108 -2.66 -0.82 -15.46
C ARG A 108 -1.36 -1.59 -15.68
N MET A 109 -0.32 -1.29 -14.90
CA MET A 109 0.94 -2.00 -15.05
C MET A 109 0.80 -3.49 -14.75
N ASP A 110 -0.15 -3.87 -13.90
CA ASP A 110 -0.31 -5.26 -13.51
C ASP A 110 -1.24 -6.06 -14.42
N LEU A 111 -1.77 -5.47 -15.50
CA LEU A 111 -2.65 -6.19 -16.41
C LEU A 111 -1.89 -7.12 -17.36
N TYR A 112 -0.62 -6.85 -17.60
CA TYR A 112 0.14 -7.62 -18.56
C TYR A 112 1.42 -8.08 -17.88
N PRO A 113 2.03 -9.19 -18.32
CA PRO A 113 3.22 -9.73 -17.63
C PRO A 113 4.25 -8.64 -17.38
N LYS A 114 5.07 -8.80 -16.37
CA LYS A 114 5.98 -7.71 -16.04
C LYS A 114 7.34 -8.28 -15.73
N THR A 115 8.39 -7.59 -16.16
CA THR A 115 9.75 -7.82 -15.69
C THR A 115 10.34 -6.52 -15.15
N ILE A 116 10.62 -6.51 -13.85
CA ILE A 116 11.44 -5.48 -13.25
C ILE A 116 12.90 -5.75 -13.63
N ASP A 117 13.52 -4.81 -14.32
CA ASP A 117 14.96 -4.93 -14.60
C ASP A 117 15.81 -4.45 -13.43
N THR A 118 15.71 -3.16 -13.11
CA THR A 118 16.55 -2.49 -12.16
C THR A 118 15.76 -2.12 -10.90
N LYS A 119 16.49 -1.64 -9.90
CA LYS A 119 15.81 -1.05 -8.76
C LYS A 119 14.98 0.15 -9.20
N ASP A 120 15.46 0.89 -10.20
CA ASP A 120 14.72 2.02 -10.74
C ASP A 120 13.32 1.62 -11.21
N ASP A 121 13.21 0.58 -12.03
CA ASP A 121 11.90 0.10 -12.44
C ASP A 121 11.09 -0.40 -11.25
N LEU A 122 11.76 -0.96 -10.23
CA LEU A 122 11.04 -1.36 -9.02
C LEU A 122 10.38 -0.14 -8.37
N LEU A 123 11.15 0.93 -8.21
CA LEU A 123 10.63 2.12 -7.55
C LEU A 123 9.54 2.79 -8.38
N HIS A 124 9.70 2.81 -9.70
CA HIS A 124 8.65 3.33 -10.56
C HIS A 124 7.35 2.58 -10.35
N TYR A 125 7.41 1.25 -10.26
CA TYR A 125 6.21 0.48 -9.97
C TYR A 125 5.69 0.77 -8.57
N CYS A 126 6.59 0.78 -7.57
CA CYS A 126 6.16 1.01 -6.19
C CYS A 126 5.51 2.37 -6.04
N TYR A 127 6.04 3.37 -6.75
CA TYR A 127 5.47 4.70 -6.70
C TYR A 127 4.00 4.67 -7.09
N HIS A 128 3.68 4.02 -8.20
CA HIS A 128 2.34 4.10 -8.75
C HIS A 128 1.34 3.26 -7.97
N VAL A 129 1.76 2.13 -7.38
CA VAL A 129 0.81 1.29 -6.65
C VAL A 129 0.82 1.54 -5.14
N ALA A 130 1.78 2.29 -4.61
CA ALA A 130 1.84 2.41 -3.15
C ALA A 130 2.10 3.84 -2.69
N SER A 131 3.08 4.53 -3.28
CA SER A 131 3.33 5.92 -2.91
C SER A 131 2.11 6.79 -3.19
N THR A 132 1.40 6.49 -4.27
CA THR A 132 0.19 7.25 -4.60
C THR A 132 -0.82 7.19 -3.46
N VAL A 133 -0.89 6.07 -2.76
CA VAL A 133 -1.86 5.94 -1.67
C VAL A 133 -1.50 6.90 -0.55
N GLY A 134 -0.23 6.92 -0.14
CA GLY A 134 0.22 7.95 0.77
C GLY A 134 -0.17 9.34 0.32
N LEU A 135 0.03 9.63 -0.97
CA LEU A 135 -0.27 10.96 -1.48
C LEU A 135 -1.78 11.25 -1.44
N MET A 136 -2.62 10.25 -1.69
CA MET A 136 -4.05 10.53 -1.52
C MET A 136 -4.42 10.83 -0.08
N LEU A 137 -3.69 10.26 0.89
CA LEU A 137 -4.09 10.45 2.27
C LEU A 137 -3.57 11.76 2.87
N LEU A 138 -2.47 12.29 2.33
CA LEU A 138 -1.79 13.43 2.95
C LEU A 138 -2.69 14.61 3.29
N PRO A 139 -3.60 15.08 2.43
CA PRO A 139 -4.45 16.22 2.83
C PRO A 139 -5.33 15.91 4.03
N VAL A 140 -5.59 14.64 4.31
CA VAL A 140 -6.37 14.23 5.47
C VAL A 140 -5.48 14.11 6.71
N LEU A 141 -4.26 13.59 6.53
CA LEU A 141 -3.36 13.32 7.64
C LEU A 141 -2.55 14.54 8.05
N ALA A 142 -2.27 15.45 7.13
CA ALA A 142 -1.41 16.59 7.40
C ALA A 142 -1.92 17.81 6.64
N PRO A 143 -3.10 18.31 7.00
CA PRO A 143 -3.67 19.45 6.28
C PRO A 143 -2.76 20.67 6.32
N GLY A 144 -2.58 21.30 5.17
CA GLY A 144 -1.76 22.49 5.06
C GLY A 144 -0.28 22.27 5.21
N LYS A 145 0.17 21.01 5.21
CA LYS A 145 1.59 20.70 5.40
C LYS A 145 2.05 19.66 4.38
N VAL A 146 1.37 19.58 3.24
CA VAL A 146 1.60 18.46 2.31
C VAL A 146 2.99 18.54 1.69
N SER A 147 3.40 19.72 1.22
CA SER A 147 4.70 19.83 0.56
C SER A 147 5.85 19.47 1.49
N ARG A 148 5.63 19.63 2.79
CA ARG A 148 6.65 19.44 3.81
C ARG A 148 6.89 17.96 4.12
N VAL A 149 5.85 17.13 4.06
CA VAL A 149 5.96 15.72 4.44
C VAL A 149 5.79 14.80 3.22
N LYS A 150 5.70 15.38 2.02
CA LYS A 150 5.38 14.60 0.82
C LYS A 150 6.46 13.57 0.51
N THR A 151 7.72 13.99 0.51
CA THR A 151 8.81 13.05 0.19
C THR A 151 8.81 11.88 1.16
N GLY A 152 8.55 12.13 2.44
CA GLY A 152 8.48 11.05 3.41
C GLY A 152 7.38 10.05 3.13
N ALA A 153 6.20 10.54 2.69
CA ALA A 153 5.09 9.64 2.38
C ALA A 153 5.34 8.83 1.12
N ILE A 154 5.99 9.43 0.12
CA ILE A 154 6.38 8.67 -1.06
C ILE A 154 7.31 7.53 -0.67
N GLU A 155 8.33 7.83 0.16
CA GLU A 155 9.27 6.78 0.55
C GLU A 155 8.61 5.73 1.44
N LEU A 156 7.67 6.14 2.30
CA LEU A 156 6.91 5.14 3.07
C LEU A 156 6.16 4.19 2.14
N GLY A 157 5.63 4.72 1.04
CA GLY A 157 5.13 3.89 -0.05
C GLY A 157 6.16 2.89 -0.56
N TYR A 158 7.33 3.38 -0.99
CA TYR A 158 8.42 2.47 -1.35
C TYR A 158 8.64 1.40 -0.29
N ALA A 159 8.79 1.83 0.97
CA ALA A 159 9.13 0.92 2.04
C ALA A 159 8.09 -0.18 2.21
N MET A 160 6.79 0.19 2.26
CA MET A 160 5.77 -0.83 2.45
C MET A 160 5.55 -1.70 1.22
N GLN A 161 5.74 -1.16 0.01
CA GLN A 161 5.55 -2.01 -1.15
C GLN A 161 6.70 -3.00 -1.31
N ILE A 162 7.93 -2.55 -1.05
CA ILE A 162 9.06 -3.49 -1.03
C ILE A 162 8.82 -4.56 0.03
N THR A 163 8.40 -4.14 1.23
CA THR A 163 8.07 -5.09 2.30
C THR A 163 7.04 -6.11 1.83
N ASN A 164 6.00 -5.63 1.14
CA ASN A 164 4.98 -6.53 0.61
C ASN A 164 5.60 -7.52 -0.38
N ILE A 165 6.44 -7.02 -1.29
CA ILE A 165 7.07 -7.87 -2.29
C ILE A 165 7.95 -8.93 -1.62
N LEU A 166 8.72 -8.53 -0.61
CA LEU A 166 9.65 -9.45 0.05
C LEU A 166 8.91 -10.54 0.83
N ARG A 167 7.73 -10.22 1.34
CA ARG A 167 6.91 -11.21 2.03
C ARG A 167 6.22 -12.16 1.06
N ASP A 168 5.91 -11.71 -0.15
CA ASP A 168 5.00 -12.42 -1.02
C ASP A 168 5.71 -13.10 -2.20
N ILE A 169 6.99 -13.45 -2.03
CA ILE A 169 7.74 -13.98 -3.17
C ILE A 169 7.06 -15.22 -3.75
N GLY A 170 6.70 -16.16 -2.88
CA GLY A 170 6.12 -17.40 -3.37
C GLY A 170 4.68 -17.24 -3.83
N GLU A 171 3.91 -16.43 -3.10
CA GLU A 171 2.55 -16.09 -3.53
C GLU A 171 2.55 -15.49 -4.93
N ASP A 172 3.46 -14.55 -5.19
CA ASP A 172 3.51 -13.91 -6.51
C ASP A 172 4.02 -14.87 -7.58
N LEU A 173 4.93 -15.77 -7.22
CA LEU A 173 5.42 -16.76 -8.15
C LEU A 173 4.30 -17.68 -8.60
N ASP A 174 3.50 -18.17 -7.64
CA ASP A 174 2.35 -19.01 -7.97
C ASP A 174 1.38 -18.31 -8.89
N ASN A 175 1.24 -16.99 -8.79
CA ASN A 175 0.40 -16.23 -9.70
C ASN A 175 1.16 -15.73 -10.92
N HIS A 176 2.33 -16.31 -11.21
CA HIS A 176 3.14 -15.96 -12.36
C HIS A 176 3.53 -14.48 -12.37
N ARG A 177 3.92 -13.96 -11.21
CA ARG A 177 4.43 -12.60 -11.10
C ARG A 177 5.78 -12.62 -10.40
N ILE A 178 6.73 -11.83 -10.90
CA ILE A 178 8.04 -11.71 -10.30
C ILE A 178 8.37 -10.23 -10.20
N TYR A 179 8.56 -9.73 -8.97
CA TYR A 179 8.91 -8.33 -8.77
C TYR A 179 10.36 -8.12 -8.36
N ILE A 180 11.10 -9.20 -8.06
CA ILE A 180 12.55 -9.13 -7.84
C ILE A 180 13.23 -8.54 -9.06
N PRO A 181 14.05 -7.51 -8.94
CA PRO A 181 14.76 -6.99 -10.11
C PRO A 181 15.72 -8.02 -10.70
N LYS A 182 15.63 -8.21 -12.02
CA LYS A 182 16.55 -9.11 -12.72
C LYS A 182 18.01 -8.84 -12.38
N GLN A 183 18.41 -7.57 -12.47
CA GLN A 183 19.80 -7.25 -12.29
C GLN A 183 20.32 -7.63 -10.91
N MET A 184 19.45 -7.71 -9.90
CA MET A 184 19.96 -8.23 -8.63
C MET A 184 20.04 -9.75 -8.62
N MET A 185 19.11 -10.44 -9.26
CA MET A 185 19.26 -11.87 -9.49
C MET A 185 20.59 -12.15 -10.20
N ILE A 186 20.96 -11.29 -11.13
CA ILE A 186 22.22 -11.44 -11.85
C ILE A 186 23.39 -11.14 -10.93
N GLU A 187 23.32 -10.02 -10.22
CA GLU A 187 24.37 -9.64 -9.28
C GLU A 187 24.67 -10.77 -8.30
N TYR A 188 23.63 -11.35 -7.72
CA TYR A 188 23.78 -12.32 -6.64
C TYR A 188 23.81 -13.77 -7.13
N GLY A 189 23.63 -14.00 -8.43
CA GLY A 189 23.65 -15.36 -8.94
C GLY A 189 22.46 -16.21 -8.56
N TYR A 190 21.28 -15.62 -8.42
CA TYR A 190 20.07 -16.35 -8.08
C TYR A 190 19.23 -16.45 -9.34
N THR A 191 19.10 -17.67 -9.86
CA THR A 191 18.55 -17.88 -11.20
C THR A 191 17.04 -18.09 -11.16
N ARG A 192 16.43 -18.08 -12.35
CA ARG A 192 15.03 -18.45 -12.46
C ARG A 192 14.79 -19.86 -11.91
N THR A 193 15.73 -20.77 -12.14
CA THR A 193 15.54 -22.16 -11.72
C THR A 193 15.57 -22.30 -10.20
N ASP A 194 16.49 -21.60 -9.53
CA ASP A 194 16.44 -21.60 -8.07
C ASP A 194 15.11 -21.05 -7.57
N LEU A 195 14.58 -20.04 -8.24
CA LEU A 195 13.30 -19.48 -7.81
C LEU A 195 12.18 -20.50 -8.02
N HIS A 196 12.03 -21.02 -9.25
CA HIS A 196 11.02 -22.03 -9.55
C HIS A 196 11.12 -23.22 -8.61
N ASN A 197 12.31 -23.54 -8.13
CA ASN A 197 12.49 -24.60 -7.13
C ASN A 197 12.23 -24.12 -5.70
N LYS A 198 11.86 -22.86 -5.50
CA LYS A 198 11.58 -22.31 -4.16
C LYS A 198 12.76 -22.51 -3.23
N LYS A 199 13.96 -22.20 -3.73
CA LYS A 199 15.18 -22.41 -2.98
C LYS A 199 15.49 -21.21 -2.09
N VAL A 200 15.76 -21.49 -0.83
CA VAL A 200 16.21 -20.45 0.09
C VAL A 200 17.69 -20.68 0.37
N ASN A 201 18.54 -20.19 -0.53
CA ASN A 201 19.97 -20.45 -0.41
C ASN A 201 20.73 -19.19 -0.03
N GLU A 202 22.05 -19.32 -0.03
CA GLU A 202 22.95 -18.22 0.30
C GLU A 202 22.70 -16.99 -0.58
N ALA A 203 22.50 -17.20 -1.88
CA ALA A 203 22.34 -16.07 -2.78
C ALA A 203 20.97 -15.42 -2.60
N PHE A 204 19.93 -16.22 -2.34
CA PHE A 204 18.60 -15.69 -2.07
C PHE A 204 18.63 -14.71 -0.90
N ILE A 205 19.26 -15.12 0.20
CA ILE A 205 19.30 -14.29 1.41
C ILE A 205 20.03 -12.97 1.14
N GLN A 206 21.18 -13.04 0.47
CA GLN A 206 21.89 -11.83 0.06
C GLN A 206 20.98 -10.88 -0.71
N LEU A 207 20.26 -11.42 -1.70
CA LEU A 207 19.36 -10.57 -2.49
C LEU A 207 18.23 -10.04 -1.63
N TRP A 208 17.64 -10.92 -0.83
CA TRP A 208 16.52 -10.54 0.02
C TRP A 208 16.93 -9.45 1.00
N GLU A 209 18.09 -9.60 1.65
CA GLU A 209 18.52 -8.61 2.63
C GLU A 209 18.88 -7.29 1.96
N ASP A 210 19.42 -7.34 0.75
CA ASP A 210 19.71 -6.10 0.02
C ASP A 210 18.42 -5.29 -0.17
N LEU A 211 17.33 -5.93 -0.60
CA LEU A 211 16.09 -5.20 -0.77
C LEU A 211 15.53 -4.73 0.58
N ALA A 212 15.55 -5.61 1.59
CA ALA A 212 15.07 -5.27 2.92
C ALA A 212 15.79 -4.06 3.51
N GLN A 213 17.06 -3.90 3.17
CA GLN A 213 17.82 -2.78 3.73
C GLN A 213 17.45 -1.48 3.04
N ASP A 214 17.11 -1.54 1.75
CA ASP A 214 16.52 -0.38 1.09
C ASP A 214 15.19 0.02 1.73
N ALA A 215 14.30 -0.97 1.92
CA ALA A 215 13.06 -0.71 2.65
C ALA A 215 13.33 -0.06 3.99
N GLU A 216 14.30 -0.59 4.74
CA GLU A 216 14.54 -0.06 6.08
C GLU A 216 15.01 1.39 6.01
N HIS A 217 15.84 1.72 5.03
CA HIS A 217 16.23 3.10 4.80
C HIS A 217 15.02 4.00 4.51
N TYR A 218 14.10 3.53 3.66
CA TYR A 218 12.91 4.32 3.39
C TYR A 218 12.03 4.47 4.63
N TYR A 219 11.90 3.41 5.44
CA TYR A 219 11.15 3.53 6.68
C TYR A 219 11.76 4.59 7.59
N ARG A 220 13.09 4.57 7.75
CA ARG A 220 13.75 5.54 8.62
C ARG A 220 13.55 6.97 8.10
N ASN A 221 13.70 7.17 6.79
CA ASN A 221 13.41 8.47 6.19
C ASN A 221 11.96 8.90 6.46
N ALA A 222 10.99 8.01 6.19
CA ALA A 222 9.59 8.37 6.44
C ALA A 222 9.35 8.72 7.90
N LEU A 223 9.86 7.90 8.82
CA LEU A 223 9.64 8.17 10.24
C LEU A 223 10.30 9.47 10.71
N ALA A 224 11.32 9.94 10.00
CA ALA A 224 11.95 11.18 10.43
C ALA A 224 11.09 12.40 10.15
N THR A 225 10.07 12.28 9.31
CA THR A 225 9.14 13.38 9.06
C THR A 225 7.98 13.41 10.05
N LEU A 226 7.85 12.39 10.91
CA LEU A 226 6.66 12.30 11.74
C LEU A 226 6.47 13.50 12.68
N PRO A 227 7.50 14.15 13.24
CA PRO A 227 7.25 15.41 13.99
C PRO A 227 6.52 16.48 13.20
N GLU A 228 6.56 16.47 11.86
CA GLU A 228 5.87 17.50 11.08
C GLU A 228 4.40 17.23 10.87
N TYR A 229 3.91 16.04 11.22
CA TYR A 229 2.49 15.77 11.19
C TYR A 229 1.82 16.39 12.40
N PRO A 230 0.53 16.70 12.31
CA PRO A 230 -0.20 17.15 13.49
C PRO A 230 -0.27 16.01 14.50
N VAL A 231 -0.38 16.38 15.78
CA VAL A 231 -0.26 15.38 16.86
C VAL A 231 -1.24 14.23 16.64
N TYR A 232 -2.47 14.52 16.17
CA TYR A 232 -3.44 13.43 16.07
C TYR A 232 -3.09 12.43 14.98
N SER A 233 -2.16 12.74 14.07
CA SER A 233 -1.75 11.80 13.02
C SER A 233 -0.45 11.06 13.32
N ARG A 234 0.23 11.40 14.42
CA ARG A 234 1.57 10.85 14.64
C ARG A 234 1.52 9.39 15.03
N THR A 235 0.61 9.02 15.92
CA THR A 235 0.56 7.60 16.27
C THR A 235 -0.05 6.76 15.15
N PRO A 236 -1.13 7.21 14.47
CA PRO A 236 -1.60 6.42 13.32
C PRO A 236 -0.55 6.19 12.26
N VAL A 237 0.13 7.24 11.82
CA VAL A 237 1.09 7.11 10.73
C VAL A 237 2.31 6.34 11.20
N GLY A 238 2.89 6.75 12.31
CA GLY A 238 4.03 6.01 12.86
C GLY A 238 3.70 4.57 13.15
N GLY A 239 2.54 4.32 13.75
CA GLY A 239 2.15 2.97 14.09
C GLY A 239 1.98 2.08 12.87
N ALA A 240 1.28 2.60 11.85
CA ALA A 240 1.18 1.88 10.59
C ALA A 240 2.55 1.52 10.05
N ALA A 241 3.44 2.52 9.98
CA ALA A 241 4.77 2.31 9.41
C ALA A 241 5.52 1.22 10.16
N LYS A 242 5.53 1.29 11.50
CA LYS A 242 6.32 0.30 12.24
C LYS A 242 5.66 -1.06 12.27
N MET A 243 4.32 -1.11 12.21
CA MET A 243 3.70 -2.42 12.12
C MET A 243 4.04 -3.06 10.79
N TYR A 244 4.22 -2.26 9.75
CA TYR A 244 4.45 -2.86 8.45
C TYR A 244 5.93 -3.22 8.32
N ARG A 245 6.81 -2.33 8.82
CA ARG A 245 8.23 -2.64 8.90
C ARG A 245 8.49 -3.94 9.64
N ALA A 246 7.71 -4.23 10.68
CA ALA A 246 7.96 -5.41 11.51
C ALA A 246 7.80 -6.72 10.74
N ILE A 247 7.18 -6.70 9.55
CA ILE A 247 7.11 -7.89 8.71
C ILE A 247 8.50 -8.37 8.34
N ILE A 248 9.41 -7.43 8.09
CA ILE A 248 10.75 -7.77 7.60
C ILE A 248 11.47 -8.63 8.62
N GLN A 249 11.48 -8.21 9.89
CA GLN A 249 12.11 -9.01 10.93
C GLN A 249 11.33 -10.30 11.18
N THR A 250 10.00 -10.27 10.99
CA THR A 250 9.23 -11.51 11.06
C THR A 250 9.76 -12.55 10.07
N VAL A 251 10.05 -12.13 8.84
CA VAL A 251 10.57 -13.04 7.83
C VAL A 251 11.97 -13.52 8.22
N ARG A 252 12.83 -12.60 8.69
CA ARG A 252 14.14 -12.98 9.20
C ARG A 252 14.04 -14.08 10.23
N ASN A 253 13.20 -13.86 11.25
CA ASN A 253 13.10 -14.83 12.34
C ASN A 253 12.58 -16.18 11.86
N ASN A 254 11.76 -16.20 10.82
CA ASN A 254 11.27 -17.46 10.25
C ASN A 254 12.25 -18.04 9.21
N ASP A 255 13.52 -17.65 9.25
CA ASP A 255 14.58 -18.16 8.36
C ASP A 255 14.29 -17.91 6.88
N TYR A 256 13.69 -16.75 6.58
CA TYR A 256 13.43 -16.33 5.21
C TYR A 256 12.56 -17.32 4.43
N GLN A 257 11.71 -18.12 5.11
CA GLN A 257 10.83 -19.08 4.45
C GLN A 257 9.63 -18.35 3.87
N VAL A 258 9.73 -17.88 2.63
CA VAL A 258 8.65 -17.10 2.03
C VAL A 258 7.99 -17.85 0.88
N PHE A 259 8.16 -19.17 0.79
CA PHE A 259 7.51 -19.96 -0.26
C PHE A 259 6.36 -20.81 0.28
N GLY A 260 5.76 -20.37 1.37
CA GLY A 260 4.61 -21.04 1.95
C GLY A 260 3.51 -20.07 2.34
N ASN A 263 3.75 -15.14 6.07
CA ASN A 263 4.35 -14.57 7.27
C ASN A 263 3.49 -13.40 7.75
N TYR A 264 3.17 -13.39 9.04
CA TYR A 264 2.29 -12.41 9.64
C TYR A 264 2.96 -11.82 10.86
N VAL A 265 2.84 -10.50 11.05
CA VAL A 265 3.15 -9.92 12.34
C VAL A 265 2.01 -10.27 13.28
N SER A 266 2.34 -10.77 14.46
CA SER A 266 1.29 -11.28 15.34
C SER A 266 0.40 -10.12 15.84
N ASP A 267 -0.83 -10.48 16.26
CA ASP A 267 -1.71 -9.47 16.86
C ASP A 267 -1.06 -8.84 18.09
N GLN A 268 -0.39 -9.64 18.93
CA GLN A 268 0.28 -9.12 20.11
C GLN A 268 1.39 -8.13 19.75
N MET A 269 2.25 -8.51 18.79
CA MET A 269 3.26 -7.57 18.32
C MET A 269 2.64 -6.24 17.87
N LYS A 270 1.55 -6.30 17.11
CA LYS A 270 0.90 -5.05 16.69
C LYS A 270 0.51 -4.22 17.90
N LYS A 271 -0.07 -4.87 18.93
CA LYS A 271 -0.47 -4.14 20.14
C LYS A 271 0.73 -3.47 20.80
N GLN A 272 1.85 -4.21 20.92
CA GLN A 272 3.05 -3.61 21.49
C GLN A 272 3.51 -2.40 20.69
N ILE A 273 3.52 -2.50 19.36
CA ILE A 273 3.97 -1.38 18.54
C ILE A 273 3.07 -0.16 18.78
N ILE A 274 1.75 -0.37 18.86
CA ILE A 274 0.85 0.76 19.05
C ILE A 274 1.04 1.38 20.43
N ALA A 275 1.20 0.53 21.46
CA ALA A 275 1.41 1.04 22.82
C ALA A 275 2.64 1.94 22.90
N GLU A 276 3.73 1.58 22.19
CA GLU A 276 4.95 2.38 22.27
C GLU A 276 4.80 3.72 21.55
N MET A 277 4.22 3.70 20.34
CA MET A 277 3.67 4.93 19.76
C MET A 277 2.85 5.74 20.76
N GLN A 278 1.93 5.09 21.47
CA GLN A 278 0.98 5.84 22.29
C GLN A 278 1.67 6.58 23.44
#